data_8QJT
#
_entry.id   8QJT
#
_cell.length_a   63.75
_cell.length_b   63.75
_cell.length_c   88.51
_cell.angle_alpha   90
_cell.angle_beta   90
_cell.angle_gamma   120
#
_symmetry.space_group_name_H-M   'P 31'
#
loop_
_entity.id
_entity.type
_entity.pdbx_description
1 polymer 'Probable global transcription activator SNF2L2'
2 non-polymer 'ZINC ION'
3 non-polymer 2-[6-azanyl-5-[(1R,5S)-8-[2-(2-methoxyethoxy)pyridin-4-yl]-3,8-diazabicyclo[3.2.1]octan-3-yl]pyridazin-3-yl]phenol
4 non-polymer 'CHLORIDE ION'
5 water water
#
_entity_poly.entity_id   1
_entity_poly.type   'polypeptide(L)'
_entity_poly.pdbx_seq_one_letter_code
;SMAEKLSPNPPKLTKQMNAIIDTVINYKDSSGRQLSEVFIQLPSRKELPEYYELIRKPVDFKKIKERIRNHKYRSLGDLE
KDVMLLCHNAQTFNLEGSQIYEDSIVLQSVFKSARQKIAKEEE
;
_entity_poly.pdbx_strand_id   A,B,C
#
loop_
_chem_comp.id
_chem_comp.type
_chem_comp.name
_chem_comp.formula
CL non-polymer 'CHLORIDE ION' 'Cl -1'
VLC non-polymer 2-[6-azanyl-5-[(1R,5S)-8-[2-(2-methoxyethoxy)pyridin-4-yl]-3,8-diazabicyclo[3.2.1]octan-3-yl]pyridazin-3-yl]phenol 'C24 H28 N6 O3'
ZN non-polymer 'ZINC ION' 'Zn 2'
#
# COMPACT_ATOMS: atom_id res chain seq x y z
N PRO A 10 -9.83 -15.84 -22.20
CA PRO A 10 -9.89 -14.45 -22.69
C PRO A 10 -9.41 -13.44 -21.65
N PRO A 11 -8.80 -12.32 -22.09
CA PRO A 11 -8.29 -11.32 -21.13
C PRO A 11 -9.34 -10.82 -20.15
N LYS A 12 -10.64 -10.82 -20.56
CA LYS A 12 -11.75 -10.40 -19.74
C LYS A 12 -11.91 -11.32 -18.53
N LEU A 13 -11.79 -12.66 -18.75
CA LEU A 13 -11.91 -13.64 -17.68
C LEU A 13 -10.80 -13.45 -16.67
N THR A 14 -9.56 -13.25 -17.15
CA THR A 14 -8.41 -13.05 -16.27
C THR A 14 -8.55 -11.77 -15.46
N LYS A 15 -9.10 -10.69 -16.09
CA LYS A 15 -9.35 -9.41 -15.43
C LYS A 15 -10.33 -9.59 -14.30
N GLN A 16 -11.41 -10.36 -14.56
CA GLN A 16 -12.42 -10.67 -13.55
C GLN A 16 -11.87 -11.48 -12.41
N MET A 17 -11.12 -12.53 -12.69
CA MET A 17 -10.52 -13.37 -11.64
C MET A 17 -9.60 -12.58 -10.73
N ASN A 18 -8.79 -11.69 -11.32
CA ASN A 18 -7.88 -10.87 -10.55
C ASN A 18 -8.64 -9.85 -9.74
N ALA A 19 -9.74 -9.28 -10.29
CA ALA A 19 -10.57 -8.30 -9.58
C ALA A 19 -11.26 -8.93 -8.38
N ILE A 20 -11.73 -10.19 -8.54
CA ILE A 20 -12.38 -10.93 -7.48
C ILE A 20 -11.38 -11.25 -6.37
N ILE A 21 -10.22 -11.79 -6.72
CA ILE A 21 -9.21 -12.14 -5.72
C ILE A 21 -8.66 -10.91 -5.03
N ASP A 22 -8.52 -9.80 -5.73
CA ASP A 22 -8.04 -8.56 -5.11
C ASP A 22 -9.05 -8.05 -4.09
N THR A 23 -10.35 -8.20 -4.35
CA THR A 23 -11.39 -7.82 -3.42
C THR A 23 -11.26 -8.62 -2.13
N VAL A 24 -11.02 -9.95 -2.27
CA VAL A 24 -10.83 -10.87 -1.15
C VAL A 24 -9.57 -10.49 -0.37
N ILE A 25 -8.44 -10.29 -1.05
CA ILE A 25 -7.18 -9.93 -0.41
C ILE A 25 -7.30 -8.61 0.31
N ASN A 26 -7.84 -7.60 -0.35
CA ASN A 26 -7.91 -6.25 0.20
C ASN A 26 -8.96 -6.02 1.27
N TYR A 27 -9.90 -6.97 1.44
CA TYR A 27 -10.99 -6.87 2.40
C TYR A 27 -10.53 -6.63 3.82
N LYS A 28 -11.19 -5.67 4.47
CA LYS A 28 -10.96 -5.37 5.88
C LYS A 28 -12.28 -5.44 6.61
N ASP A 29 -12.25 -5.92 7.86
CA ASP A 29 -13.46 -5.98 8.67
C ASP A 29 -13.77 -4.57 9.27
N SER A 30 -14.83 -4.45 10.09
CA SER A 30 -15.20 -3.17 10.69
C SER A 30 -14.09 -2.53 11.53
N SER A 31 -13.15 -3.34 12.02
CA SER A 31 -12.02 -2.86 12.81
C SER A 31 -10.82 -2.41 11.93
N GLY A 32 -10.91 -2.61 10.64
CA GLY A 32 -9.85 -2.23 9.71
C GLY A 32 -8.80 -3.31 9.53
N ARG A 33 -9.03 -4.52 10.05
CA ARG A 33 -8.06 -5.61 9.92
C ARG A 33 -8.19 -6.34 8.57
N GLN A 34 -7.09 -6.53 7.85
CA GLN A 34 -7.10 -7.26 6.60
C GLN A 34 -7.09 -8.77 6.93
N LEU A 35 -8.24 -9.43 6.79
CA LEU A 35 -8.43 -10.84 7.14
C LEU A 35 -7.57 -11.81 6.35
N SER A 36 -7.22 -11.49 5.08
CA SER A 36 -6.42 -12.38 4.22
C SER A 36 -4.95 -12.49 4.57
N GLU A 37 -4.44 -11.57 5.39
CA GLU A 37 -3.03 -11.46 5.80
C GLU A 37 -2.31 -12.78 6.03
N VAL A 38 -2.84 -13.60 6.92
CA VAL A 38 -2.27 -14.87 7.29
C VAL A 38 -2.33 -15.90 6.15
N PHE A 39 -3.27 -15.73 5.21
CA PHE A 39 -3.50 -16.68 4.15
C PHE A 39 -2.77 -16.43 2.85
N ILE A 40 -2.02 -15.31 2.75
CA ILE A 40 -1.31 -15.01 1.51
C ILE A 40 -0.26 -16.07 1.21
N GLN A 41 0.54 -16.41 2.23
CA GLN A 41 1.59 -17.38 2.06
C GLN A 41 1.59 -18.32 3.20
N LEU A 42 1.51 -19.62 2.90
CA LEU A 42 1.57 -20.70 3.85
C LEU A 42 2.96 -20.71 4.46
N PRO A 43 3.12 -21.01 5.75
CA PRO A 43 4.48 -21.22 6.29
C PRO A 43 5.12 -22.41 5.59
N SER A 44 6.46 -22.41 5.45
CA SER A 44 7.12 -23.49 4.75
C SER A 44 6.94 -24.86 5.43
N ARG A 45 7.13 -25.95 4.68
CA ARG A 45 7.08 -27.31 5.18
C ARG A 45 8.07 -27.51 6.32
N LYS A 46 9.24 -26.87 6.24
CA LYS A 46 10.26 -26.97 7.26
C LYS A 46 9.89 -26.23 8.55
N GLU A 47 9.13 -25.14 8.44
CA GLU A 47 8.68 -24.36 9.59
C GLU A 47 7.51 -25.02 10.29
N LEU A 48 6.51 -25.50 9.50
CA LEU A 48 5.30 -26.07 10.06
C LEU A 48 4.97 -27.43 9.42
N PRO A 49 5.79 -28.48 9.71
CA PRO A 49 5.52 -29.81 9.12
C PRO A 49 4.16 -30.41 9.48
N GLU A 50 3.66 -30.09 10.68
CA GLU A 50 2.37 -30.54 11.20
C GLU A 50 1.23 -30.16 10.25
N TYR A 51 1.29 -28.95 9.66
CA TYR A 51 0.27 -28.50 8.72
C TYR A 51 0.21 -29.43 7.51
N TYR A 52 1.37 -29.74 6.93
CA TYR A 52 1.46 -30.60 5.74
C TYR A 52 1.19 -32.07 6.06
N GLU A 53 1.32 -32.48 7.33
CA GLU A 53 0.98 -33.82 7.77
C GLU A 53 -0.54 -33.99 7.77
N LEU A 54 -1.28 -32.92 8.12
CA LEU A 54 -2.73 -32.97 8.23
C LEU A 54 -3.45 -32.57 6.94
N ILE A 55 -2.94 -31.55 6.24
CA ILE A 55 -3.56 -30.98 5.02
C ILE A 55 -3.07 -31.63 3.74
N ARG A 56 -3.97 -32.33 3.00
CA ARG A 56 -3.58 -33.04 1.78
C ARG A 56 -3.30 -32.15 0.56
N LYS A 57 -4.10 -31.08 0.35
CA LYS A 57 -3.89 -30.17 -0.78
C LYS A 57 -3.67 -28.75 -0.32
N PRO A 58 -2.47 -28.41 0.19
CA PRO A 58 -2.20 -27.03 0.64
C PRO A 58 -2.27 -26.03 -0.50
N VAL A 59 -2.80 -24.85 -0.21
CA VAL A 59 -2.91 -23.76 -1.19
C VAL A 59 -2.98 -22.44 -0.40
N ASP A 60 -2.43 -21.37 -0.95
CA ASP A 60 -2.49 -20.05 -0.34
C ASP A 60 -2.94 -19.01 -1.39
N PHE A 61 -3.09 -17.72 -1.02
CA PHE A 61 -3.51 -16.71 -2.00
C PHE A 61 -2.43 -16.42 -3.04
N LYS A 62 -1.16 -16.62 -2.69
CA LYS A 62 -0.05 -16.45 -3.64
C LYS A 62 -0.19 -17.51 -4.77
N LYS A 63 -0.46 -18.76 -4.43
CA LYS A 63 -0.65 -19.82 -5.41
C LYS A 63 -1.86 -19.58 -6.30
N ILE A 64 -2.97 -19.11 -5.73
CA ILE A 64 -4.17 -18.79 -6.48
C ILE A 64 -3.89 -17.65 -7.48
N LYS A 65 -3.08 -16.63 -7.05
CA LYS A 65 -2.71 -15.54 -7.95
C LYS A 65 -1.85 -16.07 -9.10
N GLU A 66 -0.91 -16.98 -8.78
CA GLU A 66 -0.05 -17.63 -9.76
C GLU A 66 -0.88 -18.44 -10.76
N ARG A 67 -1.90 -19.15 -10.29
CA ARG A 67 -2.78 -19.93 -11.16
C ARG A 67 -3.63 -19.08 -12.06
N ILE A 68 -4.07 -17.88 -11.59
CA ILE A 68 -4.81 -16.97 -12.46
C ILE A 68 -3.83 -16.43 -13.51
N ARG A 69 -2.66 -15.94 -13.05
CA ARG A 69 -1.62 -15.33 -13.88
C ARG A 69 -1.17 -16.26 -14.97
N ASN A 70 -0.99 -17.54 -14.65
CA ASN A 70 -0.54 -18.51 -15.62
C ASN A 70 -1.66 -19.22 -16.37
N HIS A 71 -2.90 -18.68 -16.29
CA HIS A 71 -4.08 -19.14 -17.03
C HIS A 71 -4.45 -20.60 -16.74
N LYS A 72 -4.44 -20.97 -15.45
CA LYS A 72 -4.72 -22.33 -15.03
C LYS A 72 -6.19 -22.59 -14.68
N TYR A 73 -6.97 -21.53 -14.46
CA TYR A 73 -8.38 -21.68 -14.15
C TYR A 73 -9.16 -21.51 -15.44
N ARG A 74 -9.84 -22.57 -15.86
CA ARG A 74 -10.68 -22.57 -17.07
C ARG A 74 -11.99 -21.77 -16.87
N SER A 75 -12.40 -21.53 -15.63
CA SER A 75 -13.64 -20.83 -15.33
C SER A 75 -13.61 -20.20 -13.94
N LEU A 76 -14.60 -19.35 -13.63
CA LEU A 76 -14.71 -18.79 -12.28
C LEU A 76 -15.02 -19.90 -11.23
N GLY A 77 -15.64 -21.00 -11.67
CA GLY A 77 -15.93 -22.15 -10.81
C GLY A 77 -14.66 -22.82 -10.34
N ASP A 78 -13.64 -22.91 -11.22
CA ASP A 78 -12.33 -23.49 -10.89
C ASP A 78 -11.62 -22.61 -9.86
N LEU A 79 -11.72 -21.29 -10.01
CA LEU A 79 -11.13 -20.32 -9.09
C LEU A 79 -11.79 -20.49 -7.71
N GLU A 80 -13.12 -20.57 -7.70
CA GLU A 80 -13.94 -20.75 -6.50
C GLU A 80 -13.51 -21.99 -5.74
N LYS A 81 -13.37 -23.13 -6.44
CA LYS A 81 -12.97 -24.40 -5.89
C LYS A 81 -11.68 -24.29 -5.10
N ASP A 82 -10.72 -23.53 -5.63
CA ASP A 82 -9.45 -23.34 -4.96
C ASP A 82 -9.50 -22.44 -3.72
N VAL A 83 -10.35 -21.39 -3.78
CA VAL A 83 -10.57 -20.48 -2.66
C VAL A 83 -11.26 -21.28 -1.53
N MET A 84 -12.26 -22.11 -1.89
CA MET A 84 -12.97 -22.93 -0.94
C MET A 84 -12.04 -23.98 -0.30
N LEU A 85 -11.12 -24.53 -1.08
CA LEU A 85 -10.15 -25.50 -0.58
C LEU A 85 -9.25 -24.80 0.45
N LEU A 86 -8.78 -23.58 0.16
CA LEU A 86 -7.97 -22.79 1.09
C LEU A 86 -8.67 -22.62 2.45
N CYS A 87 -9.94 -22.20 2.40
CA CYS A 87 -10.71 -21.96 3.59
C CYS A 87 -10.99 -23.24 4.34
N HIS A 88 -11.22 -24.34 3.62
CA HIS A 88 -11.44 -25.65 4.21
C HIS A 88 -10.21 -26.08 5.00
N ASN A 89 -9.02 -25.90 4.42
CA ASN A 89 -7.76 -26.26 5.06
C ASN A 89 -7.52 -25.43 6.33
N ALA A 90 -7.85 -24.12 6.29
CA ALA A 90 -7.73 -23.26 7.47
C ALA A 90 -8.64 -23.76 8.59
N GLN A 91 -9.84 -24.20 8.23
CA GLN A 91 -10.82 -24.72 9.18
C GLN A 91 -10.48 -26.12 9.65
N THR A 92 -9.78 -26.90 8.83
CA THR A 92 -9.37 -28.25 9.23
C THR A 92 -8.23 -28.13 10.26
N PHE A 93 -7.24 -27.28 9.98
CA PHE A 93 -6.08 -27.14 10.83
C PHE A 93 -6.31 -26.35 12.12
N ASN A 94 -7.17 -25.33 12.06
CA ASN A 94 -7.42 -24.47 13.21
C ASN A 94 -8.68 -24.81 13.98
N LEU A 95 -8.70 -24.49 15.28
CA LEU A 95 -9.83 -24.79 16.14
C LEU A 95 -11.05 -23.97 15.77
N GLU A 96 -12.24 -24.57 15.88
CA GLU A 96 -13.48 -23.85 15.64
C GLU A 96 -13.60 -22.69 16.65
N GLY A 97 -13.95 -21.50 16.19
CA GLY A 97 -14.01 -20.35 17.08
C GLY A 97 -12.72 -19.56 17.15
N SER A 98 -11.59 -20.13 16.64
CA SER A 98 -10.31 -19.40 16.63
C SER A 98 -10.35 -18.32 15.53
N GLN A 99 -9.49 -17.29 15.66
CA GLN A 99 -9.48 -16.20 14.69
C GLN A 99 -9.19 -16.66 13.25
N ILE A 100 -8.21 -17.56 13.03
CA ILE A 100 -7.91 -18.04 11.68
C ILE A 100 -9.10 -18.82 11.09
N TYR A 101 -9.71 -19.67 11.92
CA TYR A 101 -10.89 -20.44 11.54
C TYR A 101 -12.03 -19.49 11.11
N GLU A 102 -12.36 -18.51 11.99
CA GLU A 102 -13.42 -17.55 11.76
C GLU A 102 -13.15 -16.67 10.56
N ASP A 103 -11.88 -16.24 10.36
CA ASP A 103 -11.52 -15.39 9.22
C ASP A 103 -11.74 -16.09 7.90
N SER A 104 -11.41 -17.38 7.82
CA SER A 104 -11.60 -18.13 6.59
C SER A 104 -13.07 -18.26 6.22
N ILE A 105 -13.97 -18.36 7.23
CA ILE A 105 -15.40 -18.42 6.96
C ILE A 105 -15.86 -17.11 6.32
N VAL A 106 -15.42 -15.95 6.86
CA VAL A 106 -15.75 -14.65 6.30
C VAL A 106 -15.21 -14.53 4.87
N LEU A 107 -13.97 -14.97 4.62
CA LEU A 107 -13.38 -14.89 3.29
C LEU A 107 -14.13 -15.72 2.25
N GLN A 108 -14.78 -16.83 2.65
CA GLN A 108 -15.63 -17.61 1.72
C GLN A 108 -16.79 -16.74 1.24
N SER A 109 -17.40 -16.02 2.18
CA SER A 109 -18.52 -15.14 1.95
C SER A 109 -18.08 -13.93 1.10
N VAL A 110 -16.88 -13.38 1.38
CA VAL A 110 -16.32 -12.25 0.65
C VAL A 110 -16.06 -12.62 -0.79
N PHE A 111 -15.56 -13.85 -1.03
CA PHE A 111 -15.35 -14.32 -2.39
C PHE A 111 -16.68 -14.41 -3.15
N LYS A 112 -17.70 -15.00 -2.53
CA LYS A 112 -19.02 -15.14 -3.16
C LYS A 112 -19.62 -13.78 -3.53
N SER A 113 -19.54 -12.78 -2.64
CA SER A 113 -20.06 -11.44 -2.92
C SER A 113 -19.27 -10.78 -4.04
N ALA A 114 -17.94 -10.95 -4.03
CA ALA A 114 -17.08 -10.38 -5.06
C ALA A 114 -17.38 -11.02 -6.41
N ARG A 115 -17.59 -12.35 -6.44
CA ARG A 115 -17.92 -13.05 -7.68
C ARG A 115 -19.26 -12.56 -8.21
N GLN A 116 -20.27 -12.39 -7.33
CA GLN A 116 -21.57 -11.95 -7.80
C GLN A 116 -21.51 -10.53 -8.34
N LYS A 117 -20.75 -9.66 -7.67
CA LYS A 117 -20.66 -8.26 -8.04
C LYS A 117 -19.86 -8.01 -9.32
N ILE A 118 -18.64 -8.58 -9.39
CA ILE A 118 -17.73 -8.39 -10.51
C ILE A 118 -18.16 -9.15 -11.76
N ALA A 119 -18.51 -10.43 -11.60
CA ALA A 119 -18.86 -11.25 -12.75
C ALA A 119 -20.27 -11.07 -13.26
N LYS A 120 -21.23 -10.63 -12.42
CA LYS A 120 -22.62 -10.42 -12.84
C LYS A 120 -23.20 -11.57 -13.70
N GLU A 121 -23.03 -12.81 -13.22
CA GLU A 121 -23.48 -14.00 -13.94
C GLU A 121 -24.99 -14.25 -13.85
N GLU A 122 -25.53 -15.11 -14.75
CA GLU A 122 -26.94 -15.53 -14.88
C GLU A 122 -27.91 -15.00 -13.80
N PRO B 10 23.41 -6.74 -0.26
CA PRO B 10 22.22 -7.29 -0.90
C PRO B 10 21.21 -6.21 -1.31
N PRO B 11 20.83 -6.20 -2.59
CA PRO B 11 19.86 -5.18 -3.06
C PRO B 11 18.40 -5.48 -2.68
N LYS B 12 18.07 -6.80 -2.61
CA LYS B 12 16.74 -7.25 -2.24
C LYS B 12 16.44 -6.81 -0.83
N LEU B 13 17.40 -7.00 0.11
CA LEU B 13 17.25 -6.63 1.52
C LEU B 13 17.02 -5.15 1.68
N THR B 14 17.78 -4.31 0.96
CA THR B 14 17.60 -2.87 1.03
C THR B 14 16.23 -2.44 0.46
N LYS B 15 15.81 -3.06 -0.66
CA LYS B 15 14.51 -2.77 -1.27
C LYS B 15 13.39 -3.16 -0.32
N GLN B 16 13.53 -4.31 0.35
CA GLN B 16 12.57 -4.81 1.29
C GLN B 16 12.48 -3.91 2.51
N MET B 17 13.61 -3.51 3.09
CA MET B 17 13.61 -2.64 4.26
C MET B 17 12.97 -1.30 3.94
N ASN B 18 13.23 -0.74 2.78
CA ASN B 18 12.61 0.52 2.38
C ASN B 18 11.11 0.32 2.17
N ALA B 19 10.70 -0.78 1.54
CA ALA B 19 9.28 -1.04 1.29
C ALA B 19 8.52 -1.16 2.59
N ILE B 20 9.11 -1.86 3.58
CA ILE B 20 8.52 -2.04 4.89
C ILE B 20 8.37 -0.71 5.63
N ILE B 21 9.47 0.06 5.72
CA ILE B 21 9.45 1.34 6.42
C ILE B 21 8.55 2.35 5.72
N ASP B 22 8.49 2.33 4.38
CA ASP B 22 7.60 3.23 3.67
C ASP B 22 6.14 2.94 3.95
N THR B 23 5.79 1.66 4.11
CA THR B 23 4.43 1.25 4.47
C THR B 23 4.09 1.82 5.84
N VAL B 24 5.02 1.73 6.80
CA VAL B 24 4.86 2.27 8.15
C VAL B 24 4.70 3.79 8.12
N ILE B 25 5.61 4.50 7.42
CA ILE B 25 5.59 5.94 7.32
C ILE B 25 4.30 6.41 6.67
N ASN B 26 3.94 5.80 5.54
CA ASN B 26 2.78 6.23 4.76
C ASN B 26 1.44 5.85 5.31
N TYR B 27 1.38 4.94 6.28
CA TYR B 27 0.15 4.47 6.89
C TYR B 27 -0.74 5.59 7.44
N LYS B 28 -2.02 5.50 7.06
CA LYS B 28 -3.05 6.38 7.55
C LYS B 28 -4.17 5.57 8.14
N ASP B 29 -4.76 6.05 9.24
CA ASP B 29 -5.88 5.36 9.87
C ASP B 29 -7.18 5.65 9.06
N SER B 30 -8.32 5.13 9.52
CA SER B 30 -9.59 5.32 8.85
C SER B 30 -10.00 6.81 8.69
N SER B 31 -9.43 7.69 9.53
CA SER B 31 -9.69 9.12 9.44
C SER B 31 -8.73 9.85 8.46
N GLY B 32 -7.78 9.14 7.88
CA GLY B 32 -6.82 9.72 6.97
C GLY B 32 -5.63 10.35 7.67
N ARG B 33 -5.45 10.13 9.00
CA ARG B 33 -4.32 10.70 9.73
C ARG B 33 -3.08 9.83 9.57
N GLN B 34 -1.95 10.43 9.20
CA GLN B 34 -0.69 9.71 9.04
C GLN B 34 -0.02 9.59 10.41
N LEU B 35 -0.10 8.41 10.99
CA LEU B 35 0.33 8.12 12.35
C LEU B 35 1.79 8.38 12.64
N SER B 36 2.65 8.16 11.66
CA SER B 36 4.09 8.29 11.83
C SER B 36 4.60 9.72 11.98
N GLU B 37 3.78 10.72 11.66
CA GLU B 37 4.09 12.14 11.68
C GLU B 37 4.97 12.58 12.85
N VAL B 38 4.52 12.34 14.06
CA VAL B 38 5.21 12.72 15.29
C VAL B 38 6.54 11.99 15.47
N PHE B 39 6.67 10.79 14.89
CA PHE B 39 7.82 9.94 15.08
C PHE B 39 8.93 10.05 14.06
N ILE B 40 8.75 10.88 13.01
CA ILE B 40 9.79 11.03 12.00
C ILE B 40 11.07 11.61 12.60
N GLN B 41 10.93 12.67 13.39
CA GLN B 41 12.07 13.32 13.98
C GLN B 41 11.79 13.63 15.42
N LEU B 42 12.67 13.17 16.32
CA LEU B 42 12.62 13.45 17.73
C LEU B 42 12.88 14.93 17.91
N PRO B 43 12.20 15.58 18.87
CA PRO B 43 12.57 16.97 19.19
C PRO B 43 13.99 16.98 19.77
N SER B 44 14.72 18.08 19.58
CA SER B 44 16.09 18.18 20.06
C SER B 44 16.21 18.03 21.58
N ARG B 45 17.42 17.70 22.06
CA ARG B 45 17.73 17.60 23.49
C ARG B 45 17.45 18.92 24.21
N LYS B 46 17.69 20.05 23.53
CA LYS B 46 17.43 21.36 24.11
C LYS B 46 15.92 21.67 24.21
N GLU B 47 15.12 21.15 23.28
CA GLU B 47 13.67 21.38 23.28
C GLU B 47 12.96 20.49 24.28
N LEU B 48 13.35 19.21 24.35
CA LEU B 48 12.70 18.25 25.25
C LEU B 48 13.73 17.45 26.07
N PRO B 49 14.41 18.11 27.03
CA PRO B 49 15.43 17.39 27.83
C PRO B 49 14.89 16.22 28.64
N GLU B 50 13.63 16.32 29.09
CA GLU B 50 12.94 15.32 29.87
C GLU B 50 12.91 13.98 29.15
N TYR B 51 12.72 14.00 27.82
CA TYR B 51 12.70 12.80 27.01
C TYR B 51 14.01 12.06 27.10
N TYR B 52 15.12 12.78 26.93
CA TYR B 52 16.46 12.21 26.97
C TYR B 52 16.91 11.81 28.38
N GLU B 53 16.29 12.39 29.42
CA GLU B 53 16.54 12.04 30.79
C GLU B 53 15.94 10.66 31.07
N LEU B 54 14.78 10.35 30.48
CA LEU B 54 14.06 9.10 30.69
C LEU B 54 14.42 7.99 29.70
N ILE B 55 14.61 8.35 28.42
CA ILE B 55 14.86 7.40 27.35
C ILE B 55 16.35 7.15 27.10
N ARG B 56 16.74 5.88 27.34
CA ARG B 56 18.11 5.38 27.25
C ARG B 56 18.67 5.35 25.82
N LYS B 57 17.89 4.87 24.83
CA LYS B 57 18.31 4.75 23.43
C LYS B 57 17.32 5.43 22.49
N PRO B 58 17.35 6.78 22.40
CA PRO B 58 16.44 7.49 21.49
C PRO B 58 16.66 7.12 20.02
N VAL B 59 15.59 7.01 19.25
CA VAL B 59 15.63 6.70 17.82
C VAL B 59 14.34 7.26 17.19
N ASP B 60 14.41 7.70 15.93
CA ASP B 60 13.23 8.17 15.19
C ASP B 60 13.19 7.54 13.78
N PHE B 61 12.16 7.83 12.95
CA PHE B 61 12.11 7.23 11.62
C PHE B 61 13.20 7.78 10.68
N LYS B 62 13.66 9.02 10.94
CA LYS B 62 14.76 9.59 10.17
C LYS B 62 16.04 8.73 10.39
N LYS B 63 16.36 8.39 11.66
CA LYS B 63 17.51 7.57 11.98
C LYS B 63 17.43 6.17 11.38
N ILE B 64 16.24 5.57 11.41
CA ILE B 64 16.01 4.23 10.86
C ILE B 64 16.19 4.24 9.33
N LYS B 65 15.70 5.31 8.67
CA LYS B 65 15.85 5.45 7.22
C LYS B 65 17.34 5.58 6.87
N GLU B 66 18.10 6.35 7.69
CA GLU B 66 19.54 6.55 7.53
C GLU B 66 20.26 5.22 7.68
N ARG B 67 19.86 4.41 8.66
CA ARG B 67 20.46 3.11 8.89
C ARG B 67 20.19 2.12 7.77
N ILE B 68 19.01 2.17 7.13
CA ILE B 68 18.73 1.32 5.98
C ILE B 68 19.61 1.80 4.82
N ARG B 69 19.56 3.13 4.54
CA ARG B 69 20.28 3.79 3.45
C ARG B 69 21.75 3.52 3.51
N ASN B 70 22.34 3.57 4.71
CA ASN B 70 23.76 3.34 4.87
C ASN B 70 24.13 1.88 5.15
N HIS B 71 23.20 0.94 4.90
CA HIS B 71 23.40 -0.51 4.99
C HIS B 71 23.83 -0.98 6.38
N LYS B 72 23.18 -0.46 7.43
CA LYS B 72 23.54 -0.76 8.81
C LYS B 72 22.76 -1.93 9.41
N TYR B 73 21.63 -2.30 8.81
CA TYR B 73 20.86 -3.44 9.27
C TYR B 73 21.27 -4.65 8.44
N ARG B 74 21.91 -5.63 9.07
CA ARG B 74 22.34 -6.84 8.36
C ARG B 74 21.15 -7.77 8.02
N SER B 75 19.99 -7.60 8.69
CA SER B 75 18.81 -8.44 8.47
C SER B 75 17.53 -7.68 8.82
N LEU B 76 16.38 -8.25 8.46
CA LEU B 76 15.09 -7.66 8.81
C LEU B 76 14.85 -7.62 10.33
N GLY B 77 15.47 -8.56 11.07
CA GLY B 77 15.40 -8.64 12.52
C GLY B 77 16.00 -7.43 13.18
N ASP B 78 17.13 -6.94 12.64
CA ASP B 78 17.82 -5.75 13.13
C ASP B 78 16.98 -4.50 12.90
N LEU B 79 16.31 -4.44 11.74
CA LEU B 79 15.39 -3.35 11.40
C LEU B 79 14.23 -3.36 12.38
N GLU B 80 13.60 -4.55 12.59
CA GLU B 80 12.49 -4.76 13.51
C GLU B 80 12.83 -4.26 14.90
N LYS B 81 14.02 -4.66 15.40
CA LYS B 81 14.54 -4.31 16.71
C LYS B 81 14.53 -2.79 16.92
N ASP B 82 14.92 -2.04 15.88
CA ASP B 82 14.95 -0.60 15.97
C ASP B 82 13.58 0.06 15.92
N VAL B 83 12.65 -0.49 15.13
CA VAL B 83 11.28 -0.03 15.04
C VAL B 83 10.59 -0.28 16.39
N MET B 84 10.82 -1.47 16.97
CA MET B 84 10.24 -1.83 18.26
C MET B 84 10.80 -0.96 19.37
N LEU B 85 12.10 -0.59 19.28
CA LEU B 85 12.72 0.31 20.26
C LEU B 85 12.04 1.67 20.19
N LEU B 86 11.81 2.19 18.98
CA LEU B 86 11.10 3.46 18.78
C LEU B 86 9.73 3.46 19.45
N CYS B 87 8.94 2.42 19.20
CA CYS B 87 7.60 2.29 19.76
C CYS B 87 7.64 2.11 21.26
N HIS B 88 8.62 1.37 21.77
CA HIS B 88 8.80 1.16 23.19
C HIS B 88 9.09 2.49 23.88
N ASN B 89 9.91 3.33 23.26
CA ASN B 89 10.29 4.65 23.80
C ASN B 89 9.08 5.56 23.85
N ALA B 90 8.25 5.54 22.81
CA ALA B 90 7.03 6.33 22.77
C ALA B 90 6.08 5.90 23.91
N GLN B 91 6.00 4.60 24.15
CA GLN B 91 5.15 4.03 25.19
C GLN B 91 5.74 4.22 26.59
N THR B 92 7.06 4.32 26.71
CA THR B 92 7.71 4.55 27.99
C THR B 92 7.45 6.00 28.39
N PHE B 93 7.65 6.94 27.46
CA PHE B 93 7.55 8.35 27.74
C PHE B 93 6.12 8.86 27.85
N ASN B 94 5.20 8.31 27.06
CA ASN B 94 3.83 8.79 27.03
C ASN B 94 2.88 7.95 27.86
N LEU B 95 1.81 8.59 28.36
CA LEU B 95 0.81 7.91 29.18
C LEU B 95 0.04 6.87 28.36
N GLU B 96 -0.29 5.76 28.98
CA GLU B 96 -1.11 4.73 28.36
C GLU B 96 -2.47 5.35 27.99
N GLY B 97 -2.94 5.11 26.78
CA GLY B 97 -4.19 5.69 26.34
C GLY B 97 -4.03 7.03 25.63
N SER B 98 -2.85 7.67 25.75
CA SER B 98 -2.61 8.94 25.05
C SER B 98 -2.43 8.68 23.54
N GLN B 99 -2.65 9.71 22.70
CA GLN B 99 -2.53 9.53 21.25
C GLN B 99 -1.18 9.01 20.78
N ILE B 100 -0.07 9.56 21.29
CA ILE B 100 1.26 9.11 20.90
C ILE B 100 1.49 7.65 21.31
N TYR B 101 1.08 7.30 22.54
CA TYR B 101 1.19 5.93 23.05
C TYR B 101 0.42 4.97 22.14
N GLU B 102 -0.84 5.32 21.84
CA GLU B 102 -1.72 4.49 21.05
C GLU B 102 -1.29 4.39 19.59
N ASP B 103 -0.72 5.46 19.03
CA ASP B 103 -0.23 5.45 17.66
C ASP B 103 0.95 4.51 17.50
N SER B 104 1.86 4.49 18.50
CA SER B 104 3.03 3.63 18.42
C SER B 104 2.63 2.15 18.46
N ILE B 105 1.55 1.81 19.20
CA ILE B 105 1.06 0.44 19.24
C ILE B 105 0.58 0.02 17.85
N VAL B 106 -0.18 0.89 17.17
CA VAL B 106 -0.65 0.61 15.82
C VAL B 106 0.53 0.47 14.85
N LEU B 107 1.53 1.34 14.96
CA LEU B 107 2.69 1.28 14.07
C LEU B 107 3.49 0.01 14.24
N GLN B 108 3.52 -0.61 15.45
CA GLN B 108 4.19 -1.91 15.67
C GLN B 108 3.47 -2.97 14.82
N SER B 109 2.14 -2.93 14.81
CA SER B 109 1.29 -3.84 14.08
C SER B 109 1.47 -3.64 12.59
N VAL B 110 1.51 -2.39 12.12
CA VAL B 110 1.69 -2.06 10.72
C VAL B 110 3.08 -2.54 10.24
N PHE B 111 4.11 -2.40 11.09
CA PHE B 111 5.44 -2.92 10.73
C PHE B 111 5.40 -4.44 10.55
N LYS B 112 4.77 -5.17 11.51
CA LYS B 112 4.70 -6.61 11.44
C LYS B 112 3.95 -7.09 10.20
N SER B 113 2.82 -6.44 9.86
CA SER B 113 2.05 -6.80 8.66
C SER B 113 2.85 -6.51 7.41
N ALA B 114 3.55 -5.35 7.39
CA ALA B 114 4.38 -4.99 6.25
C ALA B 114 5.54 -5.96 6.09
N ARG B 115 6.18 -6.40 7.19
CA ARG B 115 7.26 -7.38 7.14
C ARG B 115 6.72 -8.72 6.63
N GLN B 116 5.53 -9.13 7.12
CA GLN B 116 4.89 -10.36 6.72
C GLN B 116 4.44 -10.37 5.23
N LYS B 117 4.11 -9.21 4.68
CA LYS B 117 3.66 -9.08 3.30
C LYS B 117 4.83 -9.01 2.33
N ILE B 118 5.86 -8.18 2.67
CA ILE B 118 7.03 -7.93 1.83
C ILE B 118 8.07 -9.09 1.88
N ALA B 119 8.43 -9.61 3.08
CA ALA B 119 9.36 -10.75 3.15
C ALA B 119 8.65 -11.97 2.59
N LYS B 120 9.30 -12.74 1.73
CA LYS B 120 8.65 -13.91 1.11
C LYS B 120 9.17 -15.24 1.68
N GLU B 121 8.24 -16.16 1.97
CA GLU B 121 8.53 -17.47 2.54
C GLU B 121 9.26 -18.38 1.53
N PRO C 8 10.39 33.81 -20.38
CA PRO C 8 10.13 33.73 -18.94
C PRO C 8 10.20 32.34 -18.34
N ASN C 9 10.33 31.28 -19.15
CA ASN C 9 10.46 29.92 -18.59
C ASN C 9 11.93 29.49 -18.76
N PRO C 10 12.76 29.68 -17.73
CA PRO C 10 14.17 29.28 -17.86
C PRO C 10 14.35 27.77 -17.84
N PRO C 11 15.41 27.23 -18.48
CA PRO C 11 15.59 25.77 -18.50
C PRO C 11 15.61 25.10 -17.12
N LYS C 12 16.06 25.79 -16.05
CA LYS C 12 16.04 25.19 -14.72
C LYS C 12 14.60 24.94 -14.24
N LEU C 13 13.65 25.87 -14.50
CA LEU C 13 12.26 25.65 -14.13
C LEU C 13 11.66 24.47 -14.89
N THR C 14 11.88 24.38 -16.23
CA THR C 14 11.38 23.26 -17.05
C THR C 14 11.99 21.93 -16.56
N LYS C 15 13.27 21.95 -16.16
CA LYS C 15 13.94 20.76 -15.63
C LYS C 15 13.29 20.34 -14.32
N GLN C 16 12.96 21.31 -13.45
CA GLN C 16 12.30 21.06 -12.17
C GLN C 16 10.92 20.46 -12.37
N MET C 17 10.11 21.06 -13.26
CA MET C 17 8.76 20.56 -13.54
C MET C 17 8.81 19.13 -14.04
N ASN C 18 9.73 18.83 -14.96
CA ASN C 18 9.91 17.48 -15.46
C ASN C 18 10.39 16.54 -14.38
N ALA C 19 11.33 16.95 -13.51
CA ALA C 19 11.84 16.10 -12.42
C ALA C 19 10.73 15.72 -11.42
N ILE C 20 9.86 16.69 -11.10
CA ILE C 20 8.75 16.49 -10.18
C ILE C 20 7.74 15.52 -10.79
N ILE C 21 7.34 15.76 -12.05
CA ILE C 21 6.37 14.89 -12.71
C ILE C 21 6.93 13.49 -12.95
N ASP C 22 8.20 13.36 -13.25
CA ASP C 22 8.82 12.04 -13.42
C ASP C 22 8.81 11.25 -12.13
N THR C 23 9.01 11.92 -10.98
CA THR C 23 8.94 11.27 -9.67
C THR C 23 7.51 10.71 -9.46
N VAL C 24 6.50 11.50 -9.80
CA VAL C 24 5.10 11.10 -9.69
C VAL C 24 4.79 9.92 -10.62
N ILE C 25 5.19 10.02 -11.90
CA ILE C 25 4.97 8.97 -12.89
C ILE C 25 5.65 7.69 -12.47
N ASN C 26 6.92 7.77 -12.08
CA ASN C 26 7.72 6.60 -11.76
C ASN C 26 7.43 5.94 -10.43
N TYR C 27 6.69 6.63 -9.54
CA TYR C 27 6.37 6.13 -8.22
C TYR C 27 5.72 4.77 -8.20
N LYS C 28 6.24 3.89 -7.33
CA LYS C 28 5.71 2.58 -7.08
C LYS C 28 5.45 2.42 -5.60
N ASP C 29 4.36 1.73 -5.25
CA ASP C 29 4.04 1.47 -3.85
C ASP C 29 4.88 0.29 -3.32
N SER C 30 4.68 -0.13 -2.07
CA SER C 30 5.44 -1.24 -1.49
C SER C 30 5.29 -2.58 -2.24
N SER C 31 4.21 -2.70 -3.04
CA SER C 31 3.98 -3.90 -3.85
C SER C 31 4.68 -3.82 -5.23
N GLY C 32 5.29 -2.69 -5.55
CA GLY C 32 5.95 -2.48 -6.82
C GLY C 32 5.01 -2.02 -7.92
N ARG C 33 3.76 -1.64 -7.58
CA ARG C 33 2.80 -1.19 -8.58
C ARG C 33 2.98 0.29 -8.91
N GLN C 34 3.06 0.63 -10.20
CA GLN C 34 3.21 2.01 -10.63
C GLN C 34 1.83 2.64 -10.68
N LEU C 35 1.53 3.42 -9.66
CA LEU C 35 0.23 4.05 -9.41
C LEU C 35 -0.29 4.96 -10.53
N SER C 36 0.61 5.62 -11.26
CA SER C 36 0.26 6.57 -12.33
C SER C 36 -0.25 5.93 -13.61
N GLU C 37 -0.07 4.62 -13.78
CA GLU C 37 -0.42 3.87 -14.97
C GLU C 37 -1.75 4.25 -15.63
N VAL C 38 -2.85 4.18 -14.88
CA VAL C 38 -4.17 4.49 -15.42
CA VAL C 38 -4.18 4.48 -15.40
C VAL C 38 -4.36 5.99 -15.74
N PHE C 39 -3.54 6.85 -15.15
CA PHE C 39 -3.66 8.28 -15.31
C PHE C 39 -2.81 8.89 -16.41
N ILE C 40 -1.96 8.11 -17.09
CA ILE C 40 -1.10 8.67 -18.13
C ILE C 40 -1.93 9.20 -19.29
N GLN C 41 -2.90 8.40 -19.76
CA GLN C 41 -3.71 8.80 -20.88
C GLN C 41 -5.15 8.49 -20.61
N LEU C 42 -6.00 9.51 -20.70
CA LEU C 42 -7.44 9.40 -20.56
C LEU C 42 -7.93 8.67 -21.80
N PRO C 43 -8.92 7.79 -21.64
CA PRO C 43 -9.56 7.21 -22.83
C PRO C 43 -10.26 8.34 -23.62
N SER C 44 -10.41 8.16 -24.94
CA SER C 44 -11.04 9.17 -25.77
C SER C 44 -12.48 9.47 -25.38
N ARG C 45 -13.00 10.63 -25.82
CA ARG C 45 -14.39 11.02 -25.60
C ARG C 45 -15.36 9.97 -26.17
N LYS C 46 -15.00 9.37 -27.30
CA LYS C 46 -15.86 8.37 -27.91
C LYS C 46 -15.84 7.04 -27.15
N GLU C 47 -14.72 6.71 -26.51
CA GLU C 47 -14.62 5.48 -25.73
C GLU C 47 -15.29 5.61 -24.35
N LEU C 48 -15.11 6.76 -23.67
CA LEU C 48 -15.68 6.96 -22.34
C LEU C 48 -16.43 8.30 -22.24
N PRO C 49 -17.60 8.44 -22.95
CA PRO C 49 -18.33 9.72 -22.92
C PRO C 49 -18.80 10.15 -21.55
N GLU C 50 -19.12 9.18 -20.70
CA GLU C 50 -19.58 9.39 -19.31
C GLU C 50 -18.59 10.24 -18.53
N TYR C 51 -17.28 9.99 -18.72
CA TYR C 51 -16.25 10.73 -18.03
C TYR C 51 -16.33 12.21 -18.38
N TYR C 52 -16.43 12.52 -19.68
CA TYR C 52 -16.50 13.90 -20.15
C TYR C 52 -17.85 14.58 -19.87
N GLU C 53 -18.89 13.79 -19.63
CA GLU C 53 -20.19 14.31 -19.24
C GLU C 53 -20.10 14.86 -17.81
N LEU C 54 -19.31 14.19 -16.93
CA LEU C 54 -19.20 14.52 -15.52
C LEU C 54 -18.04 15.47 -15.23
N ILE C 55 -16.90 15.29 -15.89
CA ILE C 55 -15.67 16.05 -15.66
C ILE C 55 -15.53 17.27 -16.56
N ARG C 56 -15.52 18.49 -15.98
CA ARG C 56 -15.47 19.72 -16.80
C ARG C 56 -14.08 20.04 -17.38
N LYS C 57 -13.00 19.79 -16.62
CA LYS C 57 -11.67 20.05 -17.10
C LYS C 57 -10.81 18.77 -17.08
N PRO C 58 -10.99 17.89 -18.07
CA PRO C 58 -10.19 16.65 -18.12
C PRO C 58 -8.72 16.91 -18.33
N VAL C 59 -7.88 16.11 -17.70
CA VAL C 59 -6.45 16.23 -17.80
C VAL C 59 -5.83 14.87 -17.45
N ASP C 60 -4.72 14.52 -18.10
CA ASP C 60 -3.99 13.30 -17.80
C ASP C 60 -2.47 13.64 -17.67
N PHE C 61 -1.61 12.64 -17.37
CA PHE C 61 -0.18 12.94 -17.23
C PHE C 61 0.48 13.26 -18.57
N LYS C 62 -0.07 12.75 -19.68
CA LYS C 62 0.43 13.07 -21.01
C LYS C 62 0.19 14.58 -21.28
N LYS C 63 -0.98 15.11 -20.96
CA LYS C 63 -1.29 16.52 -21.14
C LYS C 63 -0.45 17.41 -20.26
N ILE C 64 -0.17 17.00 -19.03
CA ILE C 64 0.68 17.74 -18.10
C ILE C 64 2.12 17.78 -18.64
N LYS C 65 2.62 16.67 -19.24
CA LYS C 65 3.96 16.61 -19.83
C LYS C 65 4.02 17.57 -21.02
N GLU C 66 2.96 17.58 -21.85
CA GLU C 66 2.81 18.47 -23.00
C GLU C 66 2.77 19.92 -22.55
N ARG C 67 2.08 20.21 -21.46
CA ARG C 67 2.01 21.57 -20.92
C ARG C 67 3.31 22.06 -20.35
N ILE C 68 4.14 21.17 -19.77
CA ILE C 68 5.47 21.57 -19.31
C ILE C 68 6.31 21.86 -20.56
N ARG C 69 6.31 20.92 -21.53
CA ARG C 69 7.09 20.99 -22.77
C ARG C 69 6.78 22.22 -23.56
N ASN C 70 5.50 22.60 -23.62
CA ASN C 70 5.09 23.79 -24.37
C ASN C 70 5.04 25.07 -23.54
N HIS C 71 5.66 25.05 -22.36
CA HIS C 71 5.84 26.19 -21.46
C HIS C 71 4.52 26.82 -21.01
N LYS C 72 3.55 26.00 -20.63
CA LYS C 72 2.24 26.49 -20.25
C LYS C 72 2.04 26.79 -18.77
N TYR C 73 2.89 26.24 -17.90
CA TYR C 73 2.83 26.53 -16.48
C TYR C 73 3.78 27.67 -16.20
N ARG C 74 3.26 28.81 -15.72
CA ARG C 74 4.13 29.96 -15.45
C ARG C 74 4.91 29.78 -14.12
N SER C 75 4.46 28.89 -13.24
CA SER C 75 5.09 28.64 -11.97
C SER C 75 4.84 27.19 -11.55
N LEU C 76 5.58 26.73 -10.52
CA LEU C 76 5.38 25.43 -9.91
C LEU C 76 3.96 25.33 -9.28
N GLY C 77 3.38 26.47 -8.88
CA GLY C 77 2.02 26.53 -8.36
C GLY C 77 1.01 26.14 -9.43
N ASP C 78 1.23 26.58 -10.67
CA ASP C 78 0.35 26.26 -11.79
C ASP C 78 0.41 24.79 -12.12
N LEU C 79 1.62 24.21 -12.03
CA LEU C 79 1.86 22.78 -12.25
C LEU C 79 1.05 21.98 -11.24
N GLU C 80 1.19 22.38 -9.95
CA GLU C 80 0.50 21.78 -8.83
C GLU C 80 -1.00 21.74 -9.06
N LYS C 81 -1.58 22.89 -9.46
CA LYS C 81 -2.99 23.08 -9.74
C LYS C 81 -3.48 22.03 -10.72
N ASP C 82 -2.69 21.74 -11.76
CA ASP C 82 -3.07 20.75 -12.76
C ASP C 82 -3.00 19.31 -12.27
N VAL C 83 -1.99 19.00 -11.45
CA VAL C 83 -1.86 17.68 -10.85
C VAL C 83 -3.02 17.45 -9.87
N MET C 84 -3.36 18.47 -9.06
CA MET C 84 -4.47 18.40 -8.12
C MET C 84 -5.79 18.27 -8.85
N LEU C 85 -5.94 18.94 -10.01
CA LEU C 85 -7.15 18.85 -10.83
C LEU C 85 -7.30 17.42 -11.33
N LEU C 86 -6.20 16.80 -11.81
CA LEU C 86 -6.19 15.39 -12.25
C LEU C 86 -6.72 14.47 -11.16
N CYS C 87 -6.18 14.61 -9.95
CA CYS C 87 -6.55 13.78 -8.82
C CYS C 87 -7.97 14.03 -8.37
N HIS C 88 -8.41 15.29 -8.43
CA HIS C 88 -9.77 15.67 -8.09
C HIS C 88 -10.75 15.01 -9.02
N ASN C 89 -10.43 14.98 -10.33
CA ASN C 89 -11.26 14.37 -11.38
C ASN C 89 -11.35 12.86 -11.18
N ALA C 90 -10.25 12.22 -10.79
CA ALA C 90 -10.25 10.79 -10.48
C ALA C 90 -11.18 10.51 -9.29
N GLN C 91 -11.14 11.37 -8.28
CA GLN C 91 -11.97 11.23 -7.08
C GLN C 91 -13.42 11.62 -7.31
N THR C 92 -13.68 12.49 -8.28
CA THR C 92 -15.05 12.88 -8.62
C THR C 92 -15.70 11.72 -9.38
N PHE C 93 -14.99 11.17 -10.36
CA PHE C 93 -15.54 10.12 -11.22
C PHE C 93 -15.61 8.76 -10.59
N ASN C 94 -14.65 8.43 -9.71
CA ASN C 94 -14.57 7.10 -9.09
C ASN C 94 -15.10 7.03 -7.68
N LEU C 95 -15.60 5.87 -7.27
CA LEU C 95 -16.16 5.67 -5.93
C LEU C 95 -15.08 5.77 -4.86
N GLU C 96 -15.44 6.34 -3.71
CA GLU C 96 -14.53 6.42 -2.58
C GLU C 96 -14.14 5.00 -2.15
N GLY C 97 -12.86 4.77 -1.91
CA GLY C 97 -12.41 3.44 -1.53
C GLY C 97 -11.98 2.60 -2.73
N SER C 98 -12.37 2.99 -3.97
CA SER C 98 -11.96 2.24 -5.16
C SER C 98 -10.46 2.46 -5.41
N GLN C 99 -9.81 1.54 -6.13
CA GLN C 99 -8.36 1.65 -6.40
C GLN C 99 -7.96 2.95 -7.08
N ILE C 100 -8.70 3.38 -8.11
CA ILE C 100 -8.38 4.62 -8.84
C ILE C 100 -8.51 5.83 -7.91
N TYR C 101 -9.58 5.86 -7.11
CA TYR C 101 -9.82 6.91 -6.14
C TYR C 101 -8.64 6.98 -5.14
N GLU C 102 -8.27 5.83 -4.55
CA GLU C 102 -7.19 5.75 -3.58
C GLU C 102 -5.81 6.07 -4.16
N ASP C 103 -5.56 5.65 -5.40
CA ASP C 103 -4.29 5.91 -6.05
C ASP C 103 -4.07 7.38 -6.25
N SER C 104 -5.12 8.11 -6.65
CA SER C 104 -5.02 9.54 -6.87
C SER C 104 -4.70 10.29 -5.59
N ILE C 105 -5.22 9.82 -4.44
CA ILE C 105 -4.91 10.44 -3.16
C ILE C 105 -3.41 10.32 -2.86
N VAL C 106 -2.84 9.12 -3.07
CA VAL C 106 -1.43 8.89 -2.85
C VAL C 106 -0.59 9.77 -3.79
N LEU C 107 -0.98 9.86 -5.07
CA LEU C 107 -0.25 10.66 -6.03
C LEU C 107 -0.23 12.15 -5.66
N GLN C 108 -1.28 12.67 -4.99
CA GLN C 108 -1.28 14.07 -4.52
C GLN C 108 -0.14 14.27 -3.52
N SER C 109 0.02 13.32 -2.62
CA SER C 109 1.02 13.31 -1.57
C SER C 109 2.42 13.16 -2.19
N VAL C 110 2.56 12.28 -3.18
CA VAL C 110 3.82 12.06 -3.89
C VAL C 110 4.24 13.34 -4.62
N PHE C 111 3.30 14.03 -5.26
CA PHE C 111 3.62 15.30 -5.91
C PHE C 111 4.13 16.33 -4.90
N LYS C 112 3.46 16.48 -3.75
CA LYS C 112 3.86 17.43 -2.73
C LYS C 112 5.27 17.16 -2.20
N SER C 113 5.61 15.87 -1.95
CA SER C 113 6.95 15.49 -1.49
C SER C 113 7.98 15.77 -2.56
N ALA C 114 7.64 15.47 -3.83
CA ALA C 114 8.54 15.69 -4.95
C ALA C 114 8.78 17.19 -5.15
N ARG C 115 7.74 18.01 -5.01
CA ARG C 115 7.89 19.46 -5.13
C ARG C 115 8.77 20.00 -3.98
N GLN C 116 8.57 19.52 -2.75
CA GLN C 116 9.38 19.96 -1.60
C GLN C 116 10.85 19.58 -1.78
N LYS C 117 11.11 18.38 -2.30
CA LYS C 117 12.46 17.87 -2.48
C LYS C 117 13.19 18.52 -3.66
N ILE C 118 12.51 18.67 -4.80
CA ILE C 118 13.11 19.20 -6.02
C ILE C 118 13.18 20.74 -6.03
N ALA C 119 12.24 21.42 -5.38
CA ALA C 119 12.30 22.89 -5.27
C ALA C 119 13.01 23.25 -3.96
N LYS C 120 14.34 23.31 -4.04
CA LYS C 120 15.34 23.60 -3.01
C LYS C 120 16.76 23.47 -3.58
N GLU C 121 16.91 22.91 -4.80
CA GLU C 121 18.17 22.72 -5.51
C GLU C 121 18.35 23.83 -6.55
ZN ZN D . 7.29 -18.47 8.48
ZN ZN E . -0.61 -14.43 -20.03
O VLC F . -4.62 -22.51 6.14
C11 VLC F . -3.79 -21.60 5.55
C12 VLC F . -3.93 -21.40 4.18
C13 VLC F . -3.10 -20.51 3.51
C14 VLC F . -2.13 -19.82 4.22
C15 VLC F . -1.99 -20.01 5.59
C10 VLC F . -2.79 -20.93 6.27
C8 VLC F . -2.63 -21.10 7.75
C7 VLC F . -1.66 -20.40 8.48
N2 VLC F . -3.48 -21.95 8.33
N3 VLC F . -3.45 -22.14 9.67
C9 VLC F . -2.54 -21.50 10.43
N4 VLC F . -2.56 -21.75 11.75
C6 VLC F . -1.59 -20.62 9.86
N1 VLC F . -0.57 -19.93 10.68
C5 VLC F . 0.59 -20.77 11.11
C VLC F . 1.37 -20.05 12.23
C4 VLC F . -0.20 -18.52 10.31
C3 VLC F . 0.66 -17.90 11.43
C2 VLC F . 0.06 -18.04 12.84
C1 VLC F . 0.49 -19.45 13.34
N VLC F . 1.88 -18.79 11.57
C16 VLC F . 3.13 -18.78 10.79
C23 VLC F . 3.28 -17.82 9.81
C19 VLC F . 4.48 -17.80 9.11
N5 VLC F . 5.50 -18.61 9.35
C18 VLC F . 5.33 -19.51 10.35
C17 VLC F . 4.17 -19.66 11.08
O1 VLC F . 4.58 -16.85 8.14
C20 VLC F . 3.75 -16.97 6.98
C21 VLC F . 4.39 -16.30 5.81
O2 VLC F . 4.79 -14.98 6.14
C22 VLC F . 5.91 -14.50 5.39
ZN ZN G . 24.44 2.17 -0.85
CL CL H . -8.10 2.90 12.02
O VLC I . 9.13 8.68 21.08
C11 VLC I . 9.39 9.39 19.95
C12 VLC I . 10.20 8.76 19.01
C13 VLC I . 10.54 9.42 17.85
C14 VLC I . 10.11 10.70 17.62
C15 VLC I . 9.29 11.33 18.55
C10 VLC I . 8.93 10.70 19.74
C8 VLC I . 8.07 11.41 20.72
C7 VLC I . 7.57 12.69 20.49
N2 VLC I . 7.74 10.73 21.83
N3 VLC I . 6.95 11.28 22.77
C9 VLC I . 6.48 12.52 22.60
N4 VLC I . 5.69 12.98 23.58
C6 VLC I . 6.78 13.29 21.46
N1 VLC I . 6.27 14.68 21.25
C5 VLC I . 6.81 15.69 22.24
C VLC I . 6.16 17.06 22.05
C4 VLC I . 6.26 15.18 19.84
C3 VLC I . 5.62 16.57 19.75
C2 VLC I . 4.28 16.67 20.48
C1 VLC I . 4.63 17.02 21.97
N VLC I . 6.52 17.43 20.63
C16 VLC I . 7.50 18.47 20.26
C23 VLC I . 7.74 18.71 18.92
C19 VLC I . 8.65 19.71 18.58
N5 VLC I . 9.35 20.41 19.46
C18 VLC I . 9.12 20.14 20.76
C17 VLC I . 8.22 19.19 21.21
O1 VLC I . 8.83 19.93 17.25
C20 VLC I . 7.67 20.01 16.40
C21 VLC I . 7.09 21.40 16.47
O2 VLC I . 5.70 21.39 16.19
C22 VLC I . 4.93 21.67 17.36
ZN ZN J . 10.57 25.25 -25.90
O VLC K . -9.36 10.49 -13.78
C11 VLC K . -8.44 10.14 -14.72
C12 VLC K . -7.44 11.07 -14.96
C13 VLC K . -6.47 10.80 -15.93
C14 VLC K . -6.53 9.64 -16.66
C15 VLC K . -7.51 8.70 -16.41
C10 VLC K . -8.51 8.94 -15.47
C8 VLC K . -9.52 7.89 -15.17
C7 VLC K . -9.55 6.69 -15.88
N2 VLC K . -10.31 8.10 -14.12
N3 VLC K . -11.19 7.16 -13.73
C9 VLC K . -11.28 6.01 -14.39
N4 VLC K . -12.20 5.15 -13.95
C6 VLC K . -10.45 5.71 -15.50
N1 VLC K . -10.54 4.44 -16.26
C5 VLC K . -11.81 4.30 -17.05
C VLC K . -11.88 2.92 -17.72
C4 VLC K . -9.31 4.05 -17.04
C3 VLC K . -9.50 2.69 -17.75
C2 VLC K . -10.01 1.58 -16.81
C1 VLC K . -11.55 1.76 -16.76
N VLC K . -10.68 2.91 -18.65
C16 VLC K . -10.88 2.51 -20.06
C23 VLC K . -9.79 2.33 -20.91
C19 VLC K . -10.03 2.05 -22.26
N5 VLC K . -11.24 1.98 -22.79
C18 VLC K . -12.28 2.19 -21.96
C17 VLC K . -12.15 2.49 -20.61
O1 VLC K . -8.95 1.85 -23.04
C20 VLC K . -8.58 2.89 -23.97
C21 VLC K . -7.13 3.25 -23.81
O2 VLC K . -6.87 4.21 -22.77
C22 VLC K . -6.11 5.33 -23.20
#